data_5UZ1
#
_entry.id   5UZ1
#
_entity_poly.entity_id   1
_entity_poly.type   'polydeoxyribonucleotide'
_entity_poly.pdbx_seq_one_letter_code
;(DC)(DG)(5CM)(DG)(DA)(DA)(DT)(DT)(DC)(8OG)(DC)(DG)
;
_entity_poly.pdbx_strand_id   A,B
#
loop_
_chem_comp.id
_chem_comp.type
_chem_comp.name
_chem_comp.formula
5CM DNA linking 5-METHYL-2'-DEOXY-CYTIDINE-5'-MONOPHOSPHATE 'C10 H16 N3 O7 P'
8OG DNA linking 8-OXO-2'-DEOXY-GUANOSINE-5'-MONOPHOSPHATE 'C10 H14 N5 O8 P'
DA DNA linking 2'-DEOXYADENOSINE-5'-MONOPHOSPHATE 'C10 H14 N5 O6 P'
DC DNA linking 2'-DEOXYCYTIDINE-5'-MONOPHOSPHATE 'C9 H14 N3 O7 P'
DG DNA linking 2'-DEOXYGUANOSINE-5'-MONOPHOSPHATE 'C10 H14 N5 O7 P'
DT DNA linking THYMIDINE-5'-MONOPHOSPHATE 'C10 H15 N2 O8 P'
#
# COMPACT_ATOMS: atom_id res chain seq x y z
N1 5CM A 3 10.94 -3.78 -1.93
C2 5CM A 3 10.84 -2.65 -2.76
N3 5CM A 3 10.02 -2.66 -3.84
C4 5CM A 3 9.27 -3.74 -4.04
C5 5CM A 3 9.28 -4.90 -3.18
C5A 5CM A 3 8.40 -6.12 -3.42
C6 5CM A 3 10.13 -4.86 -2.12
O2 5CM A 3 11.48 -1.62 -2.56
N4 5CM A 3 8.53 -3.66 -5.12
C1' 5CM A 3 12.00 -3.79 -0.87
C2' 5CM A 3 11.48 -3.96 0.56
C3' 5CM A 3 12.57 -4.75 1.28
C4' 5CM A 3 13.52 -5.16 0.14
O4' 5CM A 3 12.85 -4.91 -1.08
O3' 5CM A 3 13.28 -3.99 2.25
C5' 5CM A 3 14.00 -6.62 0.23
O5' 5CM A 3 12.91 -7.54 0.24
P 5CM A 3 13.16 -9.13 0.05
OP1 5CM A 3 14.22 -9.55 1.00
OP2 5CM A 3 11.85 -9.81 0.10
H5A1 5CM A 3 8.62 -6.54 -4.41
H5A2 5CM A 3 8.58 -6.89 -2.67
H5A3 5CM A 3 7.34 -5.83 -3.40
H6 5CM A 3 10.20 -5.71 -1.44
HN41 5CM A 3 8.60 -2.82 -5.69
HN42 5CM A 3 7.95 -4.43 -5.38
H1' 5CM A 3 12.60 -2.88 -0.92
H2' 5CM A 3 10.55 -4.51 0.58
H2'' 5CM A 3 11.32 -2.97 0.99
H3' 5CM A 3 12.13 -5.64 1.74
H4' 5CM A 3 14.39 -4.51 0.19
H5' 5CM A 3 14.63 -6.81 -0.65
H5'' 5CM A 3 14.60 -6.74 1.13
P 8OG A 10 -14.27 0.34 -5.58
OP1 8OG A 10 -14.57 -0.91 -6.30
OP2 8OG A 10 -14.90 1.60 -6.06
O5' 8OG A 10 -14.64 0.15 -4.03
C5' 8OG A 10 -14.35 -1.06 -3.34
C4' 8OG A 10 -14.56 -0.93 -1.83
O4' 8OG A 10 -13.47 -0.25 -1.20
C3' 8OG A 10 -15.86 -0.18 -1.44
O3' 8OG A 10 -16.61 -0.86 -0.44
C2' 8OG A 10 -15.31 1.09 -0.84
C1' 8OG A 10 -14.05 0.54 -0.17
N9 8OG A 10 -13.11 1.52 0.42
C8 8OG A 10 -12.84 2.83 0.11
N7 8OG A 10 -12.03 3.44 0.92
C5 8OG A 10 -11.71 2.46 1.87
C6 8OG A 10 -10.87 2.51 3.03
O6 8OG A 10 -10.20 3.45 3.45
N1 8OG A 10 -10.85 1.32 3.73
C2 8OG A 10 -11.53 0.22 3.36
N2 8OG A 10 -11.40 -0.86 4.09
N3 8OG A 10 -12.32 0.13 2.28
C4 8OG A 10 -12.37 1.29 1.57
O8 8OG A 10 -13.29 3.45 -0.84
H5' 8OG A 10 -13.30 -1.34 -3.51
H5'' 8OG A 10 -14.99 -1.86 -3.72
H4' 8OG A 10 -14.61 -1.94 -1.40
H3' 8OG A 10 -16.49 0.03 -2.31
H2' 8OG A 10 -15.05 1.80 -1.63
H2'' 8OG A 10 -16.00 1.54 -0.12
H1' 8OG A 10 -14.37 -0.13 0.64
H7 8OG A 10 -11.72 4.39 0.85
H1 8OG A 10 -10.25 1.28 4.55
H21 8OG A 10 -10.82 -0.83 4.94
H22 8OG A 10 -11.90 -1.69 3.83
N1 5CM B 3 -8.19 0.07 7.88
C2 5CM B 3 -9.00 0.18 6.75
N3 5CM B 3 -8.97 1.30 5.98
C4 5CM B 3 -8.10 2.25 6.29
C5 5CM B 3 -7.18 2.16 7.40
C5A 5CM B 3 -6.18 3.26 7.74
C6 5CM B 3 -7.26 1.04 8.17
O2 5CM B 3 -9.78 -0.70 6.40
N4 5CM B 3 -8.17 3.30 5.51
C1' 5CM B 3 -8.38 -1.09 8.80
C2' 5CM B 3 -7.16 -1.99 8.94
C3' 5CM B 3 -7.14 -2.42 10.42
C4' 5CM B 3 -8.34 -1.65 11.01
O4' 5CM B 3 -8.66 -0.61 10.10
O3' 5CM B 3 -7.32 -3.82 10.61
C5' 5CM B 3 -8.11 -1.11 12.42
O5' 5CM B 3 -6.96 -0.27 12.50
P 5CM B 3 -6.68 0.65 13.79
OP1 5CM B 3 -6.80 -0.20 15.00
OP2 5CM B 3 -5.43 1.40 13.57
H5A1 5CM B 3 -5.51 3.41 6.89
H5A2 5CM B 3 -6.72 4.19 7.93
H5A3 5CM B 3 -5.60 3.00 8.62
H6 5CM B 3 -6.60 0.92 9.02
HN41 5CM B 3 -8.86 3.29 4.76
HN42 5CM B 3 -7.57 4.09 5.67
H1' 5CM B 3 -9.22 -1.71 8.46
H2' 5CM B 3 -6.23 -1.46 8.71
H2'' 5CM B 3 -7.27 -2.85 8.28
H3' 5CM B 3 -6.22 -2.07 10.89
H4' 5CM B 3 -9.19 -2.34 11.04
H5' 5CM B 3 -9.00 -0.55 12.72
H5'' 5CM B 3 -7.99 -1.95 13.11
P 8OG B 10 7.47 8.70 -9.12
OP1 8OG B 10 7.62 10.01 -8.44
OP2 8OG B 10 7.31 8.68 -10.60
O5' 8OG B 10 8.70 7.76 -8.72
C5' 8OG B 10 9.22 7.74 -7.39
C4' 8OG B 10 10.25 6.60 -7.18
O4' 8OG B 10 9.58 5.35 -6.99
C3' 8OG B 10 11.22 6.42 -8.36
O3' 8OG B 10 12.58 6.29 -7.94
C2' 8OG B 10 10.78 5.08 -8.93
C1' 8OG B 10 10.39 4.38 -7.63
N9 8OG B 10 9.73 3.05 -7.75
C8 8OG B 10 8.96 2.49 -8.74
N7 8OG B 10 8.66 1.24 -8.57
C5 8OG B 10 9.26 0.92 -7.36
C6 8OG B 10 9.31 -0.32 -6.62
O6 8OG B 10 8.77 -1.39 -6.90
N1 8OG B 10 10.04 -0.24 -5.47
C2 8OG B 10 10.67 0.90 -5.05
N2 8OG B 10 11.33 0.84 -3.92
N3 8OG B 10 10.65 2.07 -5.69
C4 8OG B 10 9.93 2.01 -6.85
O8 8OG B 10 8.57 3.07 -9.75
H5' 8OG B 10 8.41 7.62 -6.68
H5'' 8OG B 10 9.72 8.69 -7.19
H4' 8OG B 10 10.82 6.83 -6.28
H3' 8OG B 10 11.12 7.21 -9.12
H2' 8OG B 10 9.93 5.22 -9.58
H2'' 8OG B 10 11.59 4.57 -9.45
H1' 8OG B 10 11.29 4.24 -7.03
H7 8OG B 10 8.11 0.68 -9.19
H1 8OG B 10 10.11 -1.07 -4.91
H21 8OG B 10 11.40 -0.03 -3.41
H22 8OG B 10 11.79 1.68 -3.61
N1 5CM A 3 10.89 -3.60 -1.77
C2 5CM A 3 10.84 -2.52 -2.65
N3 5CM A 3 10.05 -2.56 -3.75
C4 5CM A 3 9.28 -3.61 -3.94
C5 5CM A 3 9.23 -4.73 -3.03
C5A 5CM A 3 8.33 -5.94 -3.25
C6 5CM A 3 10.05 -4.68 -1.95
O2 5CM A 3 11.50 -1.49 -2.47
N4 5CM A 3 8.58 -3.57 -5.04
C1' 5CM A 3 11.92 -3.62 -0.69
C2' 5CM A 3 11.35 -3.71 0.73
C3' 5CM A 3 12.39 -4.54 1.50
C4' 5CM A 3 13.36 -5.01 0.40
O4' 5CM A 3 12.74 -4.76 -0.85
O3' 5CM A 3 13.10 -3.79 2.49
C5' 5CM A 3 13.79 -6.47 0.53
O5' 5CM A 3 12.68 -7.36 0.53
P 5CM A 3 12.87 -8.95 0.39
OP1 5CM A 3 13.89 -9.39 1.37
OP2 5CM A 3 11.53 -9.60 0.41
H5A1 5CM A 3 7.28 -5.61 -3.27
H5A2 5CM A 3 8.57 -6.41 -4.20
H5A3 5CM A 3 8.46 -6.68 -2.45
H6 5CM A 3 10.08 -5.49 -1.23
HN41 5CM A 3 8.69 -2.75 -5.64
HN42 5CM A 3 7.99 -4.33 -5.29
H1' 5CM A 3 12.55 -2.72 -0.74
H2' 5CM A 3 10.39 -4.23 0.74
H2'' 5CM A 3 11.24 -2.72 1.14
H3' 5CM A 3 11.91 -5.40 1.96
H4' 5CM A 3 14.26 -4.39 0.47
H5' 5CM A 3 14.44 -6.72 -0.31
H5'' 5CM A 3 14.36 -6.60 1.45
P 8OG A 10 -14.56 0.46 -5.50
OP1 8OG A 10 -14.90 -0.80 -6.23
OP2 8OG A 10 -15.19 1.73 -5.94
O5' 8OG A 10 -14.86 0.24 -3.94
C5' 8OG A 10 -14.55 -0.98 -3.28
C4' 8OG A 10 -14.73 -0.89 -1.76
O4' 8OG A 10 -13.62 -0.22 -1.16
C3' 8OG A 10 -16.01 -0.13 -1.33
O3' 8OG A 10 -16.70 -0.78 -0.27
C2' 8OG A 10 -15.42 1.16 -0.76
C1' 8OG A 10 -14.15 0.59 -0.12
N9 8OG A 10 -13.18 1.57 0.44
C8 8OG A 10 -12.89 2.87 0.11
N7 8OG A 10 -12.05 3.46 0.89
C5 8OG A 10 -11.73 2.48 1.84
C6 8OG A 10 -10.85 2.52 2.98
O6 8OG A 10 -10.14 3.45 3.37
N1 8OG A 10 -10.83 1.34 3.68
C2 8OG A 10 -11.56 0.24 3.33
N2 8OG A 10 -11.44 -0.82 4.08
N3 8OG A 10 -12.37 0.17 2.29
C4 8OG A 10 -12.42 1.33 1.56
O8 8OG A 10 -13.36 3.49 -0.84
H5' 8OG A 10 -13.52 -1.27 -3.50
H5'' 8OG A 10 -15.22 -1.76 -3.66
H4' 8OG A 10 -14.77 -1.90 -1.35
H3' 8OG A 10 -16.67 0.08 -2.16
H2' 8OG A 10 -15.17 1.85 -1.58
H2'' 8OG A 10 -16.08 1.63 -0.03
H1' 8OG A 10 -14.46 -0.06 0.69
H7 8OG A 10 -11.72 4.41 0.80
H1 8OG A 10 -10.24 1.29 4.50
H21 8OG A 10 -10.85 -0.81 4.91
H22 8OG A 10 -11.96 -1.65 3.83
N1 5CM B 3 -8.19 0.12 7.84
C2 5CM B 3 -9.00 0.23 6.69
N3 5CM B 3 -8.92 1.33 5.90
C4 5CM B 3 -8.04 2.26 6.20
C5 5CM B 3 -7.15 2.18 7.35
C5A 5CM B 3 -6.14 3.27 7.68
C6 5CM B 3 -7.26 1.08 8.14
O2 5CM B 3 -9.79 -0.64 6.36
N4 5CM B 3 -8.07 3.30 5.40
C1' 5CM B 3 -8.37 -1.06 8.73
C2' 5CM B 3 -7.15 -1.98 8.79
C3' 5CM B 3 -7.06 -2.42 10.25
C4' 5CM B 3 -8.24 -1.69 10.91
O4' 5CM B 3 -8.60 -0.62 10.05
O3' 5CM B 3 -7.20 -3.83 10.44
C5' 5CM B 3 -7.95 -1.17 12.33
O5' 5CM B 3 -6.83 -0.28 12.35
P 5CM B 3 -6.51 0.59 13.66
OP1 5CM B 3 -6.50 -0.31 14.84
OP2 5CM B 3 -5.30 1.42 13.38
H5A1 5CM B 3 -5.43 3.38 6.87
H5A2 5CM B 3 -6.65 4.23 7.82
H5A3 5CM B 3 -5.60 3.04 8.61
H6 5CM B 3 -6.65 0.97 9.01
HN41 5CM B 3 -8.74 3.29 4.64
HN42 5CM B 3 -7.46 4.07 5.56
H1' 5CM B 3 -9.24 -1.66 8.41
H2' 5CM B 3 -6.24 -1.45 8.51
H2'' 5CM B 3 -7.31 -2.83 8.12
H3' 5CM B 3 -6.12 -2.06 10.69
H4' 5CM B 3 -9.07 -2.38 10.97
H5' 5CM B 3 -8.83 -0.66 12.69
H5'' 5CM B 3 -7.74 -2.02 12.97
P 8OG B 10 7.82 8.60 -9.48
OP1 8OG B 10 7.99 9.94 -8.87
OP2 8OG B 10 7.70 8.50 -10.96
O5' 8OG B 10 9.06 7.67 -9.02
C5' 8OG B 10 9.57 7.72 -7.68
C4' 8OG B 10 10.57 6.59 -7.40
O4' 8OG B 10 9.89 5.36 -7.17
C3' 8OG B 10 11.57 6.35 -8.56
O3' 8OG B 10 12.91 6.21 -8.09
C2' 8OG B 10 11.12 5.00 -9.08
C1' 8OG B 10 10.69 4.35 -7.77
N9 8OG B 10 10.01 3.03 -7.85
C8 8OG B 10 9.24 2.45 -8.85
N7 8OG B 10 8.90 1.23 -8.63
C5 8OG B 10 9.47 0.93 -7.40
C6 8OG B 10 9.46 -0.28 -6.62
O6 8OG B 10 8.91 -1.35 -6.87
N1 8OG B 10 10.17 -0.17 -5.45
C2 8OG B 10 10.81 0.96 -5.06
N2 8OG B 10 11.43 0.93 -3.90
N3 8OG B 10 10.84 2.10 -5.74
C4 8OG B 10 10.15 2.03 -6.91
O8 8OG B 10 8.89 3.00 -9.89
H5' 8OG B 10 8.75 7.65 -6.97
H5'' 8OG B 10 10.07 8.68 -7.52
H4' 8OG B 10 11.13 6.86 -6.50
H3' 8OG B 10 11.51 7.11 -9.33
H2' 8OG B 10 10.27 5.14 -9.75
H2'' 8OG B 10 11.92 4.46 -9.57
H1' 8OG B 10 11.58 4.21 -7.16
H7 8OG B 10 8.35 0.64 -9.25
H1 8OG B 10 10.21 -0.99 -4.85
H21 8OG B 10 11.48 0.08 -3.36
H22 8OG B 10 11.92 1.76 -3.61
N1 5CM A 3 11.12 -3.72 -2.16
C2 5CM A 3 10.95 -2.60 -2.97
N3 5CM A 3 10.06 -2.58 -3.99
C4 5CM A 3 9.31 -3.67 -4.18
C5 5CM A 3 9.41 -4.86 -3.36
C5A 5CM A 3 8.56 -6.10 -3.59
C6 5CM A 3 10.33 -4.84 -2.36
O2 5CM A 3 11.59 -1.56 -2.80
N4 5CM A 3 8.51 -3.58 -5.21
C1' 5CM A 3 12.20 -3.72 -1.13
C2' 5CM A 3 11.69 -3.94 0.30
C3' 5CM A 3 12.84 -4.69 0.99
C4' 5CM A 3 13.75 -5.11 -0.18
O4' 5CM A 3 13.08 -4.80 -1.40
O3' 5CM A 3 13.57 -3.88 1.89
C5' 5CM A 3 14.14 -6.60 -0.15
O5' 5CM A 3 12.99 -7.45 -0.17
P 5CM A 3 13.17 -9.05 -0.30
OP1 5CM A 3 14.14 -9.50 0.72
OP2 5CM A 3 11.82 -9.67 -0.34
H5A1 5CM A 3 8.70 -6.47 -4.61
H5A2 5CM A 3 8.81 -6.89 -2.89
H5A3 5CM A 3 7.50 -5.84 -3.46
H6 5CM A 3 10.48 -5.70 -1.72
HN41 5CM A 3 8.54 -2.73 -5.76
HN42 5CM A 3 7.93 -4.37 -5.45
H1' 5CM A 3 12.75 -2.79 -1.16
H2' 5CM A 3 10.79 -4.57 0.30
H2'' 5CM A 3 11.48 -2.98 0.76
H3' 5CM A 3 12.44 -5.57 1.50
H4' 5CM A 3 14.65 -4.51 -0.13
H5' 5CM A 3 14.77 -6.79 -1.02
H5'' 5CM A 3 14.72 -6.78 0.75
P 8OG A 10 -14.17 0.37 -5.59
OP1 8OG A 10 -14.42 -0.88 -6.33
OP2 8OG A 10 -14.81 1.63 -6.07
O5' 8OG A 10 -14.57 0.16 -4.05
C5' 8OG A 10 -14.30 -1.06 -3.35
C4' 8OG A 10 -14.57 -0.96 -1.85
O4' 8OG A 10 -13.50 -0.28 -1.18
C3' 8OG A 10 -15.87 -0.20 -1.49
O3' 8OG A 10 -16.64 -0.88 -0.52
C2' 8OG A 10 -15.33 1.07 -0.87
C1' 8OG A 10 -14.09 0.51 -0.17
N9 8OG A 10 -13.16 1.48 0.45
C8 8OG A 10 -12.88 2.80 0.16
N7 8OG A 10 -12.07 3.39 0.98
C5 8OG A 10 -11.79 2.41 1.93
C6 8OG A 10 -10.98 2.46 3.11
O6 8OG A 10 -10.30 3.38 3.54
N1 8OG A 10 -10.98 1.26 3.81
C2 8OG A 10 -11.67 0.17 3.42
N2 8OG A 10 -11.57 -0.91 4.16
N3 8OG A 10 -12.43 0.08 2.33
C4 8OG A 10 -12.45 1.25 1.62
O8 8OG A 10 -13.31 3.42 -0.82
H5' 8OG A 10 -13.25 -1.33 -3.50
H5'' 8OG A 10 -14.92 -1.85 -3.77
H4' 8OG A 10 -14.63 -1.97 -1.44
H3' 8OG A 10 -16.47 0.02 -2.38
H2' 8OG A 10 -15.05 1.78 -1.65
H2'' 8OG A 10 -16.04 1.52 -0.17
H1' 8OG A 10 -14.44 -0.16 0.62
H7 8OG A 10 -11.76 4.34 0.91
H1 8OG A 10 -10.41 1.21 4.64
H21 8OG A 10 -11.01 -0.90 5.01
H22 8OG A 10 -12.07 -1.73 3.88
N1 5CM B 3 -8.45 -0.03 8.03
C2 5CM B 3 -9.24 0.09 6.88
N3 5CM B 3 -9.18 1.21 6.12
C4 5CM B 3 -8.32 2.16 6.45
C5 5CM B 3 -7.42 2.06 7.59
C5A 5CM B 3 -6.43 3.16 7.96
C6 5CM B 3 -7.52 0.94 8.34
O2 5CM B 3 -10.00 -0.79 6.51
N4 5CM B 3 -8.36 3.21 5.68
C1' 5CM B 3 -8.67 -1.18 8.95
C2' 5CM B 3 -7.45 -2.07 9.16
C3' 5CM B 3 -7.56 -2.54 10.62
C4' 5CM B 3 -8.75 -1.73 11.16
O4' 5CM B 3 -9.02 -0.70 10.23
O3' 5CM B 3 -7.82 -3.94 10.75
C5' 5CM B 3 -8.54 -1.17 12.57
O5' 5CM B 3 -7.37 -0.35 12.65
P 5CM B 3 -7.09 0.58 13.94
OP1 5CM B 3 -7.21 -0.27 15.15
OP2 5CM B 3 -5.82 1.32 13.72
H5A1 5CM B 3 -6.97 4.09 8.14
H5A2 5CM B 3 -5.86 2.90 8.86
H5A3 5CM B 3 -5.73 3.31 7.13
H6 5CM B 3 -6.89 0.80 9.22
HN41 5CM B 3 -9.02 3.21 4.91
HN42 5CM B 3 -7.75 4.00 5.86
H1' 5CM B 3 -9.49 -1.81 8.57
H2' 5CM B 3 -6.52 -1.52 9.03
H2'' 5CM B 3 -7.48 -2.91 8.47
H3' 5CM B 3 -6.64 -2.28 11.16
H4' 5CM B 3 -9.62 -2.39 11.19
H5' 5CM B 3 -9.41 -0.58 12.84
H5'' 5CM B 3 -8.45 -2.00 13.28
P 8OG B 10 7.46 8.73 -9.30
OP1 8OG B 10 7.63 10.06 -8.64
OP2 8OG B 10 7.30 8.69 -10.77
O5' 8OG B 10 8.70 7.79 -8.89
C5' 8OG B 10 9.24 7.80 -7.57
C4' 8OG B 10 10.26 6.67 -7.35
O4' 8OG B 10 9.60 5.42 -7.14
C3' 8OG B 10 11.23 6.47 -8.53
O3' 8OG B 10 12.58 6.28 -8.12
C2' 8OG B 10 10.75 5.14 -9.11
C1' 8OG B 10 10.37 4.44 -7.80
N9 8OG B 10 9.70 3.12 -7.90
C8 8OG B 10 8.91 2.57 -8.88
N7 8OG B 10 8.57 1.33 -8.67
C5 8OG B 10 9.21 1.00 -7.48
C6 8OG B 10 9.25 -0.23 -6.73
O6 8OG B 10 8.68 -1.29 -6.98
N1 8OG B 10 10.04 -0.15 -5.61
C2 8OG B 10 10.69 0.97 -5.21
N2 8OG B 10 11.38 0.93 -4.11
N3 8OG B 10 10.66 2.14 -5.87
C4 8OG B 10 9.90 2.10 -7.00
O8 8OG B 10 8.50 3.15 -9.87
H5' 8OG B 10 8.45 7.70 -6.84
H5'' 8OG B 10 9.75 8.76 -7.39
H4' 8OG B 10 10.84 6.90 -6.45
H3' 8OG B 10 11.16 7.26 -9.28
H2' 8OG B 10 9.88 5.30 -9.74
H2'' 8OG B 10 11.54 4.62 -9.65
H1' 8OG B 10 11.30 4.29 -7.22
H7 8OG B 10 8.00 0.77 -9.28
H1 8OG B 10 10.12 -0.98 -5.04
H21 8OG B 10 11.47 0.05 -3.60
H22 8OG B 10 11.87 1.76 -3.82
N1 5CM A 3 11.05 -3.84 -2.09
C2 5CM A 3 10.95 -2.71 -2.91
N3 5CM A 3 10.14 -2.72 -4.00
C4 5CM A 3 9.43 -3.80 -4.24
C5 5CM A 3 9.44 -4.98 -3.39
C5A 5CM A 3 8.60 -6.21 -3.69
C6 5CM A 3 10.27 -4.94 -2.33
O2 5CM A 3 11.55 -1.66 -2.68
N4 5CM A 3 8.71 -3.72 -5.33
C1' 5CM A 3 12.09 -3.86 -1.02
C2' 5CM A 3 11.53 -4.01 0.40
C3' 5CM A 3 12.57 -4.87 1.14
C4' 5CM A 3 13.57 -5.25 0.04
O4' 5CM A 3 12.95 -4.97 -1.21
O3' 5CM A 3 13.25 -4.15 2.18
C5' 5CM A 3 14.06 -6.70 0.10
O5' 5CM A 3 12.98 -7.64 0.04
P 5CM A 3 13.26 -9.20 -0.19
OP1 5CM A 3 14.27 -9.65 0.79
OP2 5CM A 3 11.94 -9.90 -0.23
H5A1 5CM A 3 7.54 -5.94 -3.68
H5A2 5CM A 3 8.85 -6.61 -4.67
H5A3 5CM A 3 8.76 -6.99 -2.94
H6 5CM A 3 10.34 -5.79 -1.65
HN41 5CM A 3 8.77 -2.87 -5.88
HN42 5CM A 3 8.15 -4.51 -5.62
H1' 5CM A 3 12.69 -2.95 -1.05
H2' 5CM A 3 10.57 -4.53 0.39
H2'' 5CM A 3 11.41 -3.04 0.85
H3' 5CM A 3 12.09 -5.77 1.54
H4' 5CM A 3 14.43 -4.59 0.12
H5' 5CM A 3 14.73 -6.87 -0.74
H5'' 5CM A 3 14.62 -6.84 1.02
P 8OG A 10 -14.30 0.43 -5.66
OP1 8OG A 10 -14.63 -0.83 -6.37
OP2 8OG A 10 -14.91 1.70 -6.12
O5' 8OG A 10 -14.65 0.23 -4.09
C5' 8OG A 10 -14.37 -0.97 -3.41
C4' 8OG A 10 -14.58 -0.85 -1.89
O4' 8OG A 10 -13.48 -0.16 -1.27
C3' 8OG A 10 -15.87 -0.09 -1.50
O3' 8OG A 10 -16.58 -0.74 -0.46
C2' 8OG A 10 -15.30 1.21 -0.94
C1' 8OG A 10 -14.05 0.65 -0.26
N9 8OG A 10 -13.10 1.64 0.32
C8 8OG A 10 -12.79 2.93 -0.02
N7 8OG A 10 -11.98 3.53 0.78
C5 8OG A 10 -11.71 2.58 1.76
C6 8OG A 10 -10.87 2.63 2.93
O6 8OG A 10 -10.17 3.55 3.33
N1 8OG A 10 -10.90 1.47 3.67
C2 8OG A 10 -11.62 0.37 3.32
N2 8OG A 10 -11.55 -0.68 4.09
N3 8OG A 10 -12.39 0.27 2.23
C4 8OG A 10 -12.39 1.41 1.49
O8 8OG A 10 -13.23 3.53 -1.00
H5' 8OG A 10 -13.33 -1.26 -3.59
H5'' 8OG A 10 -15.01 -1.75 -3.79
H4' 8OG A 10 -14.62 -1.86 -1.47
H3' 8OG A 10 -16.52 0.10 -2.37
H2' 8OG A 10 -15.04 1.89 -1.76
H2'' 8OG A 10 -15.99 1.68 -0.24
H1' 8OG A 10 -14.39 0.00 0.55
H7 8OG A 10 -11.64 4.48 0.68
H1 8OG A 10 -10.34 1.43 4.50
H21 8OG A 10 -10.99 -0.65 4.94
H22 8OG A 10 -12.07 -1.49 3.83
N1 5CM B 3 -8.45 0.29 7.95
C2 5CM B 3 -9.20 0.38 6.77
N3 5CM B 3 -9.09 1.46 5.96
C4 5CM B 3 -8.20 2.39 6.28
C5 5CM B 3 -7.36 2.33 7.45
C5A 5CM B 3 -6.35 3.42 7.81
C6 5CM B 3 -7.53 1.25 8.26
O2 5CM B 3 -9.99 -0.49 6.43
N4 5CM B 3 -8.18 3.40 5.44
C1' 5CM B 3 -8.69 -0.86 8.87
C2' 5CM B 3 -7.47 -1.78 9.04
C3' 5CM B 3 -7.51 -2.21 10.52
C4' 5CM B 3 -8.69 -1.41 11.08
O4' 5CM B 3 -8.99 -0.38 10.15
O3' 5CM B 3 -7.75 -3.61 10.69
C5' 5CM B 3 -8.42 -0.83 12.48
O5' 5CM B 3 -7.29 0.03 12.49
P 5CM B 3 -6.96 0.93 13.79
OP1 5CM B 3 -6.98 0.06 14.99
OP2 5CM B 3 -5.75 1.73 13.51
H5A1 5CM B 3 -6.86 4.38 7.89
H5A2 5CM B 3 -5.86 3.20 8.75
H5A3 5CM B 3 -5.61 3.49 7.02
H6 5CM B 3 -6.94 1.16 9.18
HN41 5CM B 3 -8.83 3.39 4.66
HN42 5CM B 3 -7.56 4.17 5.61
H1' 5CM B 3 -9.52 -1.47 8.52
H2' 5CM B 3 -6.54 -1.25 8.85
H2'' 5CM B 3 -7.56 -2.62 8.37
H3' 5CM B 3 -6.59 -1.92 11.01
H4' 5CM B 3 -9.56 -2.07 11.15
H5' 5CM B 3 -9.31 -0.28 12.79
H5'' 5CM B 3 -8.28 -1.65 13.17
P 8OG B 10 7.40 8.63 -9.13
OP1 8OG B 10 7.51 9.95 -8.44
OP2 8OG B 10 7.29 8.60 -10.60
O5' 8OG B 10 8.67 7.73 -8.70
C5' 8OG B 10 9.17 7.73 -7.37
C4' 8OG B 10 10.22 6.63 -7.14
O4' 8OG B 10 9.59 5.35 -6.98
C3' 8OG B 10 11.23 6.49 -8.30
O3' 8OG B 10 12.57 6.38 -7.85
C2' 8OG B 10 10.83 5.15 -8.91
C1' 8OG B 10 10.43 4.42 -7.62
N9 8OG B 10 9.81 3.08 -7.78
C8 8OG B 10 9.06 2.52 -8.80
N7 8OG B 10 8.76 1.27 -8.65
C5 8OG B 10 9.37 0.92 -7.45
C6 8OG B 10 9.41 -0.32 -6.73
O6 8OG B 10 8.91 -1.39 -7.03
N1 8OG B 10 10.14 -0.25 -5.56
C2 8OG B 10 10.74 0.88 -5.12
N2 8OG B 10 11.39 0.82 -3.98
N3 8OG B 10 10.72 2.07 -5.73
C4 8OG B 10 10.00 2.03 -6.91
O8 8OG B 10 8.68 3.12 -9.81
H5' 8OG B 10 8.34 7.57 -6.67
H5'' 8OG B 10 9.62 8.69 -7.15
H4' 8OG B 10 10.77 6.87 -6.22
H3' 8OG B 10 11.14 7.30 -9.04
H2' 8OG B 10 9.98 5.29 -9.57
H2'' 8OG B 10 11.66 4.68 -9.42
H1' 8OG B 10 11.34 4.28 -7.03
H7 8OG B 10 8.23 0.71 -9.30
H1 8OG B 10 10.22 -1.09 -5.01
H21 8OG B 10 11.48 -0.06 -3.48
H22 8OG B 10 11.84 1.65 -3.65
N1 5CM A 3 11.02 -3.76 -2.09
C2 5CM A 3 10.92 -2.63 -2.92
N3 5CM A 3 10.11 -2.64 -4.01
C4 5CM A 3 9.38 -3.72 -4.23
C5 5CM A 3 9.37 -4.88 -3.38
C5A 5CM A 3 8.51 -6.10 -3.66
C6 5CM A 3 10.20 -4.85 -2.31
O2 5CM A 3 11.54 -1.60 -2.70
N4 5CM A 3 8.66 -3.63 -5.33
C1' 5CM A 3 12.07 -3.78 -1.03
C2' 5CM A 3 11.52 -3.95 0.39
C3' 5CM A 3 12.57 -4.82 1.11
C4' 5CM A 3 13.55 -5.17 0.00
O4' 5CM A 3 12.91 -4.89 -1.24
O3' 5CM A 3 13.24 -4.12 2.15
C5' 5CM A 3 14.06 -6.62 0.04
O5' 5CM A 3 12.99 -7.57 0.02
P 5CM A 3 13.27 -9.14 -0.24
OP1 5CM A 3 14.35 -9.58 0.68
OP2 5CM A 3 11.97 -9.85 -0.22
H5A1 5CM A 3 7.46 -5.82 -3.65
H5A2 5CM A 3 8.75 -6.52 -4.63
H5A3 5CM A 3 8.67 -6.88 -2.90
H6 5CM A 3 10.27 -5.70 -1.64
HN41 5CM A 3 8.72 -2.79 -5.88
HN42 5CM A 3 8.08 -4.41 -5.60
H1' 5CM A 3 12.66 -2.87 -1.06
H2' 5CM A 3 10.55 -4.47 0.40
H2'' 5CM A 3 11.41 -2.98 0.85
H3' 5CM A 3 12.09 -5.72 1.49
H4' 5CM A 3 14.42 -4.51 0.08
H5' 5CM A 3 14.71 -6.78 -0.81
H5'' 5CM A 3 14.65 -6.76 0.95
P 8OG A 10 -14.20 0.32 -5.68
OP1 8OG A 10 -14.53 -0.94 -6.39
OP2 8OG A 10 -14.79 1.59 -6.17
O5' 8OG A 10 -14.59 0.15 -4.14
C5' 8OG A 10 -14.33 -1.06 -3.43
C4' 8OG A 10 -14.56 -0.92 -1.92
O4' 8OG A 10 -13.47 -0.24 -1.30
C3' 8OG A 10 -15.84 -0.15 -1.56
O3' 8OG A 10 -16.59 -0.78 -0.53
C2' 8OG A 10 -15.28 1.14 -0.99
C1' 8OG A 10 -14.04 0.58 -0.29
N9 8OG A 10 -13.09 1.56 0.30
C8 8OG A 10 -12.79 2.85 -0.04
N7 8OG A 10 -11.97 3.46 0.77
C5 8OG A 10 -11.71 2.51 1.75
C6 8OG A 10 -10.90 2.56 2.93
O6 8OG A 10 -10.20 3.49 3.35
N1 8OG A 10 -10.92 1.39 3.67
C2 8OG A 10 -11.62 0.29 3.31
N2 8OG A 10 -11.55 -0.76 4.08
N3 8OG A 10 -12.39 0.20 2.21
C4 8OG A 10 -12.40 1.34 1.47
O8 8OG A 10 -13.21 3.46 -1.02
H5' 8OG A 10 -13.29 -1.36 -3.59
H5'' 8OG A 10 -14.98 -1.84 -3.80
H4' 8OG A 10 -14.62 -1.92 -1.49
H3' 8OG A 10 -16.48 0.06 -2.43
H2' 8OG A 10 -15.01 1.82 -1.80
H2'' 8OG A 10 -15.97 1.63 -0.29
H1' 8OG A 10 -14.39 -0.06 0.53
H7 8OG A 10 -11.64 4.41 0.69
H1 8OG A 10 -10.36 1.36 4.50
H21 8OG A 10 -11.01 -0.74 4.93
H22 8OG A 10 -12.06 -1.58 3.81
N1 5CM B 3 -8.47 0.22 7.96
C2 5CM B 3 -9.23 0.33 6.78
N3 5CM B 3 -9.12 1.40 5.97
C4 5CM B 3 -8.24 2.33 6.29
C5 5CM B 3 -7.39 2.27 7.46
C5A 5CM B 3 -6.38 3.35 7.81
C6 5CM B 3 -7.54 1.19 8.26
O2 5CM B 3 -10.02 -0.55 6.43
N4 5CM B 3 -8.23 3.35 5.46
C1' 5CM B 3 -8.71 -0.92 8.88
C2' 5CM B 3 -7.50 -1.84 9.05
C3' 5CM B 3 -7.52 -2.25 10.52
C4' 5CM B 3 -8.72 -1.46 11.09
O4' 5CM B 3 -9.02 -0.43 10.17
O3' 5CM B 3 -7.73 -3.65 10.73
C5' 5CM B 3 -8.49 -0.89 12.50
O5' 5CM B 3 -7.35 -0.04 12.54
P 5CM B 3 -7.06 0.87 13.84
OP1 5CM B 3 -7.14 0.01 15.05
OP2 5CM B 3 -5.81 1.64 13.60
H5A1 5CM B 3 -5.64 3.44 7.02
H5A2 5CM B 3 -6.89 4.31 7.91
H5A3 5CM B 3 -5.87 3.13 8.75
H6 5CM B 3 -6.96 1.09 9.18
HN41 5CM B 3 -8.87 3.34 4.68
HN42 5CM B 3 -7.61 4.13 5.63
H1' 5CM B 3 -9.56 -1.52 8.52
H2' 5CM B 3 -6.58 -1.33 8.83
H2'' 5CM B 3 -7.62 -2.70 8.40
H3' 5CM B 3 -6.61 -1.92 11.01
H4' 5CM B 3 -9.58 -2.13 11.13
H5' 5CM B 3 -9.38 -0.34 12.79
H5'' 5CM B 3 -8.36 -1.72 13.20
P 8OG B 10 7.50 8.66 -9.18
OP1 8OG B 10 7.61 9.99 -8.51
OP2 8OG B 10 7.36 8.62 -10.66
O5' 8OG B 10 8.77 7.78 -8.76
C5' 8OG B 10 9.28 7.78 -7.44
C4' 8OG B 10 10.34 6.68 -7.22
O4' 8OG B 10 9.72 5.41 -7.03
C3' 8OG B 10 11.33 6.53 -8.39
O3' 8OG B 10 12.68 6.43 -7.96
C2' 8OG B 10 10.92 5.19 -8.98
C1' 8OG B 10 10.53 4.47 -7.70
N9 8OG B 10 9.89 3.13 -7.83
C8 8OG B 10 9.14 2.58 -8.85
N7 8OG B 10 8.83 1.33 -8.69
C5 8OG B 10 9.41 1.00 -7.47
C6 8OG B 10 9.44 -0.24 -6.74
O6 8OG B 10 8.91 -1.31 -7.03
N1 8OG B 10 10.16 -0.16 -5.56
C2 8OG B 10 10.77 0.97 -5.12
N2 8OG B 10 11.40 0.90 -3.98
N3 8OG B 10 10.76 2.13 -5.77
C4 8OG B 10 10.07 2.09 -6.94
O8 8OG B 10 8.76 3.17 -9.86
H5' 8OG B 10 8.48 7.64 -6.72
H5'' 8OG B 10 9.75 8.75 -7.24
H4' 8OG B 10 10.90 6.93 -6.31
H3' 8OG B 10 11.23 7.33 -9.13
H2' 8OG B 10 10.06 5.33 -9.63
H2'' 8OG B 10 11.74 4.71 -9.50
H1' 8OG B 10 11.44 4.33 -7.10
H7 8OG B 10 8.28 0.77 -9.32
H1 8OG B 10 10.22 -1.00 -5.00
H21 8OG B 10 11.47 0.02 -3.48
H22 8OG B 10 11.87 1.73 -3.66
N1 5CM A 3 10.79 -3.68 -1.98
C2 5CM A 3 10.69 -2.57 -2.83
N3 5CM A 3 9.84 -2.56 -3.88
C4 5CM A 3 9.06 -3.61 -4.05
C5 5CM A 3 9.06 -4.77 -3.19
C5A 5CM A 3 8.14 -5.97 -3.40
C6 5CM A 3 9.95 -4.76 -2.16
O2 5CM A 3 11.37 -1.56 -2.67
N4 5CM A 3 8.30 -3.53 -5.12
C1' 5CM A 3 11.81 -3.69 -0.91
C2' 5CM A 3 11.23 -3.72 0.51
C3' 5CM A 3 12.19 -4.61 1.31
C4' 5CM A 3 13.19 -5.09 0.24
O4' 5CM A 3 12.61 -4.86 -1.02
O3' 5CM A 3 12.88 -3.91 2.34
C5' 5CM A 3 13.59 -6.56 0.40
O5' 5CM A 3 12.47 -7.43 0.34
P 5CM A 3 12.66 -9.03 0.21
OP1 5CM A 3 13.61 -9.47 1.25
OP2 5CM A 3 11.33 -9.67 0.14
H5A1 5CM A 3 8.31 -6.39 -4.39
H5A2 5CM A 3 8.32 -6.74 -2.65
H5A3 5CM A 3 7.10 -5.65 -3.32
H6 5CM A 3 10.02 -5.60 -1.48
HN41 5CM A 3 8.38 -2.70 -5.69
HN42 5CM A 3 7.69 -4.29 -5.36
H1' 5CM A 3 12.47 -2.81 -1.00
H2' 5CM A 3 10.24 -4.14 0.52
H2'' 5CM A 3 11.21 -2.69 0.89
H3' 5CM A 3 11.64 -5.45 1.71
H4' 5CM A 3 14.09 -4.49 0.33
H5' 5CM A 3 14.29 -6.81 -0.41
H5'' 5CM A 3 14.10 -6.69 1.35
P 8OG A 10 -14.59 0.41 -5.45
OP1 8OG A 10 -14.92 -0.83 -6.20
OP2 8OG A 10 -15.24 1.69 -5.86
O5' 8OG A 10 -14.93 0.17 -3.89
C5' 8OG A 10 -14.61 -1.07 -3.25
C4' 8OG A 10 -14.80 -1.00 -1.72
O4' 8OG A 10 -13.69 -0.33 -1.11
C3' 8OG A 10 -16.08 -0.26 -1.28
O3' 8OG A 10 -16.80 -0.95 -0.27
C2' 8OG A 10 -15.51 1.02 -0.67
C1' 8OG A 10 -14.23 0.44 -0.05
N9 8OG A 10 -13.27 1.42 0.53
C8 8OG A 10 -13.01 2.74 0.24
N7 8OG A 10 -12.17 3.33 1.03
C5 8OG A 10 -11.83 2.34 1.95
C6 8OG A 10 -10.94 2.36 3.07
O6 8OG A 10 -10.26 3.29 3.49
N1 8OG A 10 -10.89 1.17 3.75
C2 8OG A 10 -11.60 0.06 3.38
N2 8OG A 10 -11.43 -1.02 4.10
N3 8OG A 10 -12.41 -0.01 2.33
C4 8OG A 10 -12.50 1.17 1.65
O8 8OG A 10 -13.51 3.38 -0.69
H5' 8OG A 10 -13.58 -1.35 -3.46
H5'' 8OG A 10 -15.27 -1.84 -3.64
H4' 8OG A 10 -14.82 -2.01 -1.34
H3' 8OG A 10 -16.73 -0.02 -2.13
H2' 8OG A 10 -15.29 1.74 -1.45
H2'' 8OG A 10 -16.18 1.44 0.08
H1' 8OG A 10 -14.53 -0.24 0.75
H7 8OG A 10 -11.87 4.29 0.96
H1 8OG A 10 -10.28 1.11 4.55
H21 8OG A 10 -10.84 -1.02 4.92
H22 8OG A 10 -11.95 -1.85 3.83
N1 5CM B 3 -8.11 -0.14 7.79
C2 5CM B 3 -8.97 -0.01 6.69
N3 5CM B 3 -8.96 1.12 5.94
C4 5CM B 3 -8.08 2.06 6.23
C5 5CM B 3 -7.11 1.95 7.31
C5A 5CM B 3 -6.09 3.04 7.63
C6 5CM B 3 -7.16 0.82 8.05
O2 5CM B 3 -9.75 -0.90 6.35
N4 5CM B 3 -8.17 3.13 5.48
C1' 5CM B 3 -8.27 -1.32 8.70
C2' 5CM B 3 -7.04 -2.22 8.79
C3' 5CM B 3 -6.99 -2.67 10.26
C4' 5CM B 3 -8.17 -1.91 10.90
O4' 5CM B 3 -8.51 -0.86 10.01
O3' 5CM B 3 -7.18 -4.07 10.42
C5' 5CM B 3 -7.88 -1.37 12.31
O5' 5CM B 3 -6.73 -0.54 12.35
P 5CM B 3 -6.39 0.38 13.63
OP1 5CM B 3 -6.47 -0.48 14.84
OP2 5CM B 3 -5.15 1.12 13.36
H5A1 5CM B 3 -6.62 3.97 7.85
H5A2 5CM B 3 -5.47 2.76 8.48
H5A3 5CM B 3 -5.45 3.21 6.75
H6 5CM B 3 -6.47 0.68 8.88
HN41 5CM B 3 -8.89 3.13 4.76
HN42 5CM B 3 -7.55 3.91 5.64
H1' 5CM B 3 -9.13 -1.93 8.38
H2' 5CM B 3 -6.13 -1.67 8.55
H2'' 5CM B 3 -7.17 -3.06 8.13
H3' 5CM B 3 -6.06 -2.35 10.71
H4' 5CM B 3 -9.02 -2.59 10.96
H5' 5CM B 3 -8.75 -0.82 12.64
H5'' 5CM B 3 -7.74 -2.21 12.99
P 8OG B 10 7.76 8.75 -9.41
OP1 8OG B 10 7.94 10.08 -8.79
OP2 8OG B 10 7.62 8.67 -10.89
O5' 8OG B 10 8.96 7.79 -8.97
C5' 8OG B 10 9.46 7.79 -7.63
C4' 8OG B 10 10.43 6.62 -7.36
O4' 8OG B 10 9.72 5.41 -7.17
C3' 8OG B 10 11.43 6.39 -8.51
O3' 8OG B 10 12.76 6.19 -8.05
C2' 8OG B 10 10.95 5.06 -9.07
C1' 8OG B 10 10.49 4.40 -7.77
N9 8OG B 10 9.80 3.09 -7.87
C8 8OG B 10 9.04 2.53 -8.87
N7 8OG B 10 8.68 1.30 -8.68
C5 8OG B 10 9.26 0.98 -7.46
C6 8OG B 10 9.25 -0.24 -6.70
O6 8OG B 10 8.68 -1.30 -6.95
N1 8OG B 10 9.98 -0.16 -5.53
C2 8OG B 10 10.63 0.96 -5.14
N2 8OG B 10 11.28 0.92 -3.99
N3 8OG B 10 10.65 2.11 -5.79
C4 8OG B 10 9.95 2.07 -6.96
O8 8OG B 10 8.67 3.11 -9.90
H5' 8OG B 10 8.62 7.72 -6.92
H5'' 8OG B 10 9.98 8.73 -7.44
H4' 8OG B 10 10.98 6.85 -6.45
H3' 8OG B 10 11.40 7.17 -9.27
H2' 8OG B 10 10.11 5.23 -9.74
H2'' 8OG B 10 11.75 4.50 -9.57
H1' 8OG B 10 11.39 4.23 -7.15
H7 8OG B 10 8.12 0.74 -9.31
H1 8OG B 10 10.02 -0.98 -4.95
H21 8OG B 10 11.34 0.05 -3.47
H22 8OG B 10 11.76 1.75 -3.69
N1 5CM A 3 10.93 -3.73 -2.01
C2 5CM A 3 10.86 -2.62 -2.86
N3 5CM A 3 10.05 -2.63 -3.94
C4 5CM A 3 9.28 -3.68 -4.13
C5 5CM A 3 9.24 -4.82 -3.25
C5A 5CM A 3 8.33 -6.03 -3.49
C6 5CM A 3 10.08 -4.80 -2.19
O2 5CM A 3 11.52 -1.60 -2.68
N4 5CM A 3 8.55 -3.62 -5.24
C1' 5CM A 3 11.98 -3.77 -0.96
C2' 5CM A 3 11.46 -3.88 0.47
C3' 5CM A 3 12.51 -4.73 1.20
C4' 5CM A 3 13.45 -5.18 0.07
O4' 5CM A 3 12.81 -4.90 -1.16
O3' 5CM A 3 13.25 -4.00 2.18
C5' 5CM A 3 13.87 -6.65 0.15
O5' 5CM A 3 12.76 -7.53 0.16
P 5CM A 3 12.94 -9.12 -0.03
OP1 5CM A 3 13.98 -9.59 0.91
OP2 5CM A 3 11.61 -9.76 0.01
H5A1 5CM A 3 7.29 -5.70 -3.47
H5A2 5CM A 3 8.55 -6.48 -4.45
H5A3 5CM A 3 8.47 -6.79 -2.70
H6 5CM A 3 10.12 -5.62 -1.49
HN41 5CM A 3 8.65 -2.79 -5.82
HN42 5CM A 3 7.95 -4.38 -5.48
H1' 5CM A 3 12.61 -2.87 -1.02
H2' 5CM A 3 10.50 -4.40 0.50
H2'' 5CM A 3 11.37 -2.89 0.90
H3' 5CM A 3 12.03 -5.60 1.66
H4' 5CM A 3 14.35 -4.57 0.12
H5' 5CM A 3 14.51 -6.87 -0.71
H5'' 5CM A 3 14.47 -6.80 1.06
P 8OG A 10 -14.02 0.27 -5.72
OP1 8OG A 10 -14.28 -1.00 -6.45
OP2 8OG A 10 -14.67 1.52 -6.20
O5' 8OG A 10 -14.40 0.06 -4.18
C5' 8OG A 10 -14.09 -1.14 -3.49
C4' 8OG A 10 -14.34 -1.03 -1.98
O4' 8OG A 10 -13.29 -0.32 -1.33
C3' 8OG A 10 -15.67 -0.32 -1.61
O3' 8OG A 10 -16.38 -1.00 -0.59
C2' 8OG A 10 -15.15 1.00 -1.03
C1' 8OG A 10 -13.90 0.48 -0.33
N9 8OG A 10 -12.99 1.49 0.27
C8 8OG A 10 -12.73 2.79 -0.06
N7 8OG A 10 -11.94 3.42 0.75
C5 8OG A 10 -11.66 2.48 1.74
C6 8OG A 10 -10.85 2.55 2.92
O6 8OG A 10 -10.18 3.50 3.33
N1 8OG A 10 -10.85 1.38 3.66
C2 8OG A 10 -11.53 0.27 3.29
N2 8OG A 10 -11.44 -0.78 4.07
N3 8OG A 10 -12.28 0.16 2.20
C4 8OG A 10 -12.30 1.29 1.45
O8 8OG A 10 -13.16 3.38 -1.05
H5' 8OG A 10 -13.04 -1.40 -3.64
H5'' 8OG A 10 -14.70 -1.95 -3.88
H4' 8OG A 10 -14.36 -2.04 -1.57
H3' 8OG A 10 -16.30 -0.14 -2.49
H2' 8OG A 10 -14.90 1.68 -1.84
H2'' 8OG A 10 -15.87 1.45 -0.36
H1' 8OG A 10 -14.23 -0.17 0.48
H7 8OG A 10 -11.63 4.38 0.66
H1 8OG A 10 -10.31 1.37 4.50
H21 8OG A 10 -10.90 -0.74 4.94
H22 8OG A 10 -11.92 -1.61 3.80
N1 5CM B 3 -8.44 0.29 7.99
C2 5CM B 3 -9.17 0.36 6.79
N3 5CM B 3 -9.08 1.44 5.98
C4 5CM B 3 -8.24 2.40 6.32
C5 5CM B 3 -7.42 2.37 7.53
C5A 5CM B 3 -6.47 3.50 7.91
C6 5CM B 3 -7.57 1.29 8.33
O2 5CM B 3 -9.92 -0.54 6.43
N4 5CM B 3 -8.24 3.41 5.49
C1' 5CM B 3 -8.66 -0.88 8.90
C2' 5CM B 3 -7.42 -1.74 9.11
C3' 5CM B 3 -7.48 -2.18 10.58
C4' 5CM B 3 -8.71 -1.43 11.11
O4' 5CM B 3 -9.02 -0.40 10.18
O3' 5CM B 3 -7.67 -3.59 10.73
C5' 5CM B 3 -8.51 -0.85 12.52
O5' 5CM B 3 -7.41 0.04 12.58
P 5CM B 3 -7.16 0.94 13.89
OP1 5CM B 3 -7.20 0.07 15.08
OP2 5CM B 3 -5.95 1.78 13.65
H5A1 5CM B 3 -5.71 3.60 7.13
H5A2 5CM B 3 -7.01 4.44 7.97
H5A3 5CM B 3 -5.98 3.29 8.86
H6 5CM B 3 -7.00 1.21 9.24
HN41 5CM B 3 -8.87 3.38 4.69
HN42 5CM B 3 -7.66 4.21 5.67
H1' 5CM B 3 -9.47 -1.50 8.52
H2' 5CM B 3 -6.50 -1.17 8.94
H2'' 5CM B 3 -7.46 -2.59 8.42
H3' 5CM B 3 -6.59 -1.85 11.09
H4' 5CM B 3 -9.54 -2.13 11.13
H5' 5CM B 3 -9.43 -0.34 12.80
H5'' 5CM B 3 -8.36 -1.68 13.21
P 8OG B 10 7.65 8.66 -9.33
OP1 8OG B 10 7.81 9.98 -8.68
OP2 8OG B 10 7.50 8.59 -10.81
O5' 8OG B 10 8.90 7.73 -8.91
C5' 8OG B 10 9.42 7.74 -7.58
C4' 8OG B 10 10.43 6.60 -7.34
O4' 8OG B 10 9.77 5.36 -7.14
C3' 8OG B 10 11.43 6.40 -8.51
O3' 8OG B 10 12.78 6.26 -8.07
C2' 8OG B 10 10.97 5.07 -9.08
C1' 8OG B 10 10.56 4.38 -7.78
N9 8OG B 10 9.90 3.06 -7.90
C8 8OG B 10 9.14 2.50 -8.90
N7 8OG B 10 8.80 1.26 -8.71
C5 8OG B 10 9.39 0.93 -7.49
C6 8OG B 10 9.41 -0.29 -6.75
O6 8OG B 10 8.85 -1.36 -7.02
N1 8OG B 10 10.14 -0.21 -5.59
C2 8OG B 10 10.77 0.92 -5.17
N2 8OG B 10 11.41 0.87 -4.03
N3 8OG B 10 10.76 2.07 -5.82
C4 8OG B 10 10.06 2.03 -6.99
O8 8OG B 10 8.75 3.08 -9.91
H5' 8OG B 10 8.60 7.63 -6.86
H5'' 8OG B 10 9.91 8.69 -7.40
H4' 8OG B 10 11.00 6.84 -6.44
H3' 8OG B 10 11.35 7.20 -9.26
H2' 8OG B 10 10.12 5.22 -9.74
H2'' 8OG B 10 11.78 4.55 -9.59
H1' 8OG B 10 11.46 4.22 -7.18
H7 8OG B 10 8.24 0.70 -9.33
H1 8OG B 10 10.18 -1.04 -5.01
H21 8OG B 10 11.47 -0.01 -3.51
H22 8OG B 10 11.89 1.69 -3.73
N1 5CM A 3 11.00 -3.77 -2.04
C2 5CM A 3 10.88 -2.64 -2.86
N3 5CM A 3 10.08 -2.65 -3.95
C4 5CM A 3 9.35 -3.74 -4.19
C5 5CM A 3 9.38 -4.91 -3.35
C5A 5CM A 3 8.54 -6.15 -3.64
C6 5CM A 3 10.21 -4.88 -2.28
O2 5CM A 3 11.48 -1.60 -2.64
N4 5CM A 3 8.64 -3.65 -5.28
C1' 5CM A 3 12.04 -3.80 -0.98
C2' 5CM A 3 11.50 -3.98 0.43
C3' 5CM A 3 12.58 -4.80 1.15
C4' 5CM A 3 13.55 -5.18 0.03
O4' 5CM A 3 12.91 -4.89 -1.20
O3' 5CM A 3 13.27 -4.07 2.16
C5' 5CM A 3 14.04 -6.63 0.07
O5' 5CM A 3 12.97 -7.56 0.03
P 5CM A 3 13.23 -9.14 -0.20
OP1 5CM A 3 14.27 -9.57 0.77
OP2 5CM A 3 11.92 -9.84 -0.20
H5A1 5CM A 3 8.72 -6.93 -2.89
H5A2 5CM A 3 7.48 -5.88 -3.62
H5A3 5CM A 3 8.79 -6.54 -4.62
H6 5CM A 3 10.29 -5.73 -1.61
HN41 5CM A 3 8.69 -2.81 -5.83
HN42 5CM A 3 8.08 -4.44 -5.56
H1' 5CM A 3 12.63 -2.87 -1.01
H2' 5CM A 3 10.56 -4.53 0.43
H2'' 5CM A 3 11.35 -3.01 0.89
H3' 5CM A 3 12.13 -5.71 1.57
H4' 5CM A 3 14.43 -4.52 0.11
H5' 5CM A 3 14.70 -6.79 -0.79
H5'' 5CM A 3 14.62 -6.78 0.98
P 8OG A 10 -14.25 0.28 -5.58
OP1 8OG A 10 -14.56 -0.99 -6.29
OP2 8OG A 10 -14.87 1.53 -6.07
O5' 8OG A 10 -14.62 0.09 -4.02
C5' 8OG A 10 -14.35 -1.11 -3.32
C4' 8OG A 10 -14.59 -0.98 -1.81
O4' 8OG A 10 -13.49 -0.30 -1.18
C3' 8OG A 10 -15.87 -0.21 -1.45
O3' 8OG A 10 -16.63 -0.86 -0.44
C2' 8OG A 10 -15.30 1.08 -0.85
C1' 8OG A 10 -14.06 0.51 -0.16
N9 8OG A 10 -13.11 1.48 0.42
C8 8OG A 10 -12.82 2.79 0.10
N7 8OG A 10 -12.01 3.39 0.91
C5 8OG A 10 -11.73 2.43 1.88
C6 8OG A 10 -10.91 2.49 3.05
O6 8OG A 10 -10.22 3.42 3.47
N1 8OG A 10 -10.91 1.31 3.77
C2 8OG A 10 -11.61 0.20 3.41
N2 8OG A 10 -11.51 -0.86 4.16
N3 8OG A 10 -12.37 0.11 2.31
C4 8OG A 10 -12.40 1.26 1.59
O8 8OG A 10 -13.24 3.40 -0.88
H5' 8OG A 10 -13.32 -1.41 -3.49
H5'' 8OG A 10 -15.00 -1.91 -3.70
H4' 8OG A 10 -14.65 -1.99 -1.38
H3' 8OG A 10 -16.49 0.01 -2.32
H2' 8OG A 10 -15.04 1.76 -1.65
H2'' 8OG A 10 -15.99 1.53 -0.15
H1' 8OG A 10 -14.39 -0.15 0.64
H7 8OG A 10 -11.69 4.34 0.83
H1 8OG A 10 -10.35 1.27 4.61
H21 8OG A 10 -10.96 -0.84 5.02
H22 8OG A 10 -12.02 -1.68 3.89
N1 5CM B 3 -8.33 0.04 7.97
C2 5CM B 3 -9.15 0.17 6.84
N3 5CM B 3 -9.09 1.27 6.05
C4 5CM B 3 -8.19 2.20 6.35
C5 5CM B 3 -7.27 2.10 7.47
C5A 5CM B 3 -6.24 3.18 7.79
C6 5CM B 3 -7.38 0.99 8.24
O2 5CM B 3 -9.95 -0.71 6.50
N4 5CM B 3 -8.23 3.24 5.56
C1' 5CM B 3 -8.56 -1.10 8.90
C2' 5CM B 3 -7.35 -2.03 9.06
C3' 5CM B 3 -7.38 -2.46 10.53
C4' 5CM B 3 -8.54 -1.65 11.12
O4' 5CM B 3 -8.82 -0.61 10.20
O3' 5CM B 3 -7.62 -3.85 10.72
C5' 5CM B 3 -8.27 -1.09 12.52
O5' 5CM B 3 -7.11 -0.28 12.57
P 5CM B 3 -6.78 0.65 13.85
OP1 5CM B 3 -6.90 -0.18 15.08
OP2 5CM B 3 -5.50 1.36 13.60
H5A1 5CM B 3 -6.74 4.13 7.97
H5A2 5CM B 3 -5.65 2.90 8.67
H5A3 5CM B 3 -5.56 3.29 6.94
H6 5CM B 3 -6.72 0.86 9.09
HN41 5CM B 3 -8.91 3.25 4.81
HN42 5CM B 3 -7.59 4.01 5.72
H1' 5CM B 3 -9.41 -1.70 8.57
H2' 5CM B 3 -6.42 -1.52 8.84
H2'' 5CM B 3 -7.47 -2.88 8.39
H3' 5CM B 3 -6.44 -2.17 11.01
H4' 5CM B 3 -9.41 -2.30 11.17
H5' 5CM B 3 -9.14 -0.50 12.82
H5'' 5CM B 3 -8.18 -1.92 13.22
P 8OG B 10 7.44 8.69 -9.17
OP1 8OG B 10 7.56 10.01 -8.50
OP2 8OG B 10 7.30 8.64 -10.64
O5' 8OG B 10 8.70 7.78 -8.75
C5' 8OG B 10 9.21 7.77 -7.42
C4' 8OG B 10 10.25 6.66 -7.20
O4' 8OG B 10 9.61 5.41 -7.01
C3' 8OG B 10 11.25 6.51 -8.36
O3' 8OG B 10 12.60 6.39 -7.91
C2' 8OG B 10 10.83 5.17 -8.94
C1' 8OG B 10 10.43 4.45 -7.66
N9 8OG B 10 9.80 3.11 -7.80
C8 8OG B 10 9.05 2.55 -8.80
N7 8OG B 10 8.74 1.30 -8.64
C5 8OG B 10 9.33 0.98 -7.43
C6 8OG B 10 9.37 -0.26 -6.70
O6 8OG B 10 8.85 -1.34 -6.99
N1 8OG B 10 10.09 -0.19 -5.53
C2 8OG B 10 10.70 0.95 -5.10
N2 8OG B 10 11.34 0.89 -3.96
N3 8OG B 10 10.68 2.11 -5.73
C4 8OG B 10 9.98 2.07 -6.90
O8 8OG B 10 8.66 3.14 -9.81
H5' 8OG B 10 8.40 7.64 -6.71
H5'' 8OG B 10 9.69 8.74 -7.22
H4' 8OG B 10 10.80 6.90 -6.29
H3' 8OG B 10 11.16 7.30 -9.11
H2' 8OG B 10 9.99 5.30 -9.60
H2'' 8OG B 10 11.66 4.67 -9.46
H1' 8OG B 10 11.34 4.31 -7.05
H7 8OG B 10 8.19 0.74 -9.27
H1 8OG B 10 10.16 -1.03 -4.97
H21 8OG B 10 11.41 0.01 -3.45
H22 8OG B 10 11.80 1.72 -3.63
N1 5CM A 3 10.99 -3.59 -1.94
C2 5CM A 3 10.88 -2.48 -2.78
N3 5CM A 3 10.06 -2.49 -3.86
C4 5CM A 3 9.31 -3.57 -4.06
C5 5CM A 3 9.31 -4.72 -3.17
C5A 5CM A 3 8.43 -5.94 -3.42
C6 5CM A 3 10.16 -4.68 -2.12
O2 5CM A 3 11.52 -1.44 -2.59
N4 5CM A 3 8.58 -3.51 -5.14
C1' 5CM A 3 12.05 -3.62 -0.89
C2' 5CM A 3 11.53 -3.73 0.54
C3' 5CM A 3 12.57 -4.60 1.27
C4' 5CM A 3 13.52 -5.02 0.15
O4' 5CM A 3 12.87 -4.75 -1.09
O3' 5CM A 3 13.28 -3.89 2.27
C5' 5CM A 3 13.97 -6.48 0.21
O5' 5CM A 3 12.88 -7.39 0.20
P 5CM A 3 13.10 -8.97 0.01
OP1 5CM A 3 14.15 -9.42 0.95
OP2 5CM A 3 11.78 -9.64 0.03
H5A1 5CM A 3 8.64 -6.37 -4.39
H5A2 5CM A 3 8.59 -6.70 -2.65
H5A3 5CM A 3 7.38 -5.63 -3.39
H6 5CM A 3 10.22 -5.51 -1.43
HN41 5CM A 3 8.65 -2.67 -5.72
HN42 5CM A 3 7.99 -4.28 -5.39
H1' 5CM A 3 12.66 -2.71 -0.96
H2' 5CM A 3 10.55 -4.23 0.57
H2'' 5CM A 3 11.45 -2.74 0.98
H3' 5CM A 3 12.08 -5.48 1.69
H4' 5CM A 3 14.40 -4.38 0.20
H5' 5CM A 3 14.62 -6.68 -0.64
H5'' 5CM A 3 14.57 -6.62 1.12
P 8OG A 10 -14.33 0.27 -5.59
OP1 8OG A 10 -14.64 -0.99 -6.31
OP2 8OG A 10 -14.94 1.53 -6.08
O5' 8OG A 10 -14.71 0.09 -4.04
C5' 8OG A 10 -14.47 -1.12 -3.34
C4' 8OG A 10 -14.69 -0.99 -1.82
O4' 8OG A 10 -13.58 -0.33 -1.21
C3' 8OG A 10 -15.96 -0.19 -1.46
O3' 8OG A 10 -16.73 -0.82 -0.45
C2' 8OG A 10 -15.37 1.07 -0.86
C1' 8OG A 10 -14.13 0.47 -0.18
N9 8OG A 10 -13.15 1.43 0.40
C8 8OG A 10 -12.85 2.74 0.09
N7 8OG A 10 -12.01 3.31 0.89
C5 8OG A 10 -11.73 2.34 1.85
C6 8OG A 10 -10.89 2.36 3.01
O6 8OG A 10 -10.18 3.28 3.43
N1 8OG A 10 -10.90 1.17 3.72
C2 8OG A 10 -11.63 0.09 3.35
N2 8OG A 10 -11.55 -0.98 4.09
N3 8OG A 10 -12.41 0.02 2.28
C4 8OG A 10 -12.43 1.18 1.55
O8 8OG A 10 -13.28 3.36 -0.87
H5' 8OG A 10 -13.44 -1.44 -3.51
H5'' 8OG A 10 -15.13 -1.90 -3.72
H4' 8OG A 10 -14.78 -1.99 -1.41
H3' 8OG A 10 -16.58 0.04 -2.33
H2' 8OG A 10 -15.08 1.76 -1.66
H2'' 8OG A 10 -16.04 1.55 -0.15
H1' 8OG A 10 -14.47 -0.17 0.63
H7 8OG A 10 -11.67 4.26 0.83
H1 8OG A 10 -10.32 1.12 4.54
H21 8OG A 10 -10.98 -0.97 4.95
H22 8OG A 10 -12.08 -1.79 3.83
N1 5CM B 3 -8.30 -0.14 7.87
C2 5CM B 3 -9.13 0.01 6.75
N3 5CM B 3 -9.05 1.11 5.97
C4 5CM B 3 -8.13 2.02 6.26
C5 5CM B 3 -7.20 1.89 7.37
C5A 5CM B 3 -6.14 2.94 7.68
C6 5CM B 3 -7.32 0.79 8.14
O2 5CM B 3 -9.94 -0.84 6.42
N4 5CM B 3 -8.15 3.07 5.47
C1' 5CM B 3 -8.55 -1.28 8.81
C2' 5CM B 3 -7.37 -2.23 8.96
C3' 5CM B 3 -7.38 -2.66 10.43
C4' 5CM B 3 -8.54 -1.83 11.02
O4' 5CM B 3 -8.80 -0.78 10.10
O3' 5CM B 3 -7.64 -4.05 10.61
C5' 5CM B 3 -8.27 -1.28 12.42
O5' 5CM B 3 -7.08 -0.49 12.49
P 5CM B 3 -6.74 0.43 13.76
OP1 5CM B 3 -6.90 -0.40 14.98
OP2 5CM B 3 -5.44 1.11 13.52
H5A1 5CM B 3 -5.46 3.05 6.82
H5A2 5CM B 3 -6.62 3.91 7.87
H5A3 5CM B 3 -5.56 2.66 8.56
H6 5CM B 3 -6.67 0.63 8.99
HN41 5CM B 3 -8.85 3.09 4.74
HN42 5CM B 3 -7.51 3.82 5.63
H1' 5CM B 3 -9.41 -1.85 8.47
H2' 5CM B 3 -6.42 -1.74 8.74
H2'' 5CM B 3 -7.51 -3.08 8.29
H3' 5CM B 3 -6.44 -2.38 10.91
H4' 5CM B 3 -9.42 -2.47 11.06
H5' 5CM B 3 -9.12 -0.67 12.73
H5'' 5CM B 3 -8.19 -2.11 13.13
P 8OG B 10 7.47 8.76 -9.19
OP1 8OG B 10 7.61 10.09 -8.54
OP2 8OG B 10 7.33 8.71 -10.66
O5' 8OG B 10 8.75 7.87 -8.78
C5' 8OG B 10 9.28 7.88 -7.47
C4' 8OG B 10 10.31 6.76 -7.24
O4' 8OG B 10 9.66 5.51 -7.03
C3' 8OG B 10 11.30 6.58 -8.41
O3' 8OG B 10 12.64 6.46 -7.99
C2' 8OG B 10 10.87 5.22 -8.97
C1' 8OG B 10 10.47 4.54 -7.66
N9 8OG B 10 9.83 3.20 -7.78
C8 8OG B 10 9.07 2.63 -8.79
N7 8OG B 10 8.75 1.40 -8.59
C5 8OG B 10 9.34 1.07 -7.38
C6 8OG B 10 9.38 -0.16 -6.63
O6 8OG B 10 8.85 -1.23 -6.91
N1 8OG B 10 10.10 -0.06 -5.47
C2 8OG B 10 10.72 1.08 -5.06
N2 8OG B 10 11.37 1.03 -3.91
N3 8OG B 10 10.71 2.24 -5.71
C4 8OG B 10 10.01 2.18 -6.87
O8 8OG B 10 8.68 3.21 -9.80
H5' 8OG B 10 8.47 7.76 -6.74
H5'' 8OG B 10 9.77 8.84 -7.28
H4' 8OG B 10 10.87 7.00 -6.34
H3' 8OG B 10 11.20 7.36 -9.17
H2' 8OG B 10 10.01 5.36 -9.62
H2'' 8OG B 10 11.68 4.73 -9.48
H1' 8OG B 10 11.38 4.40 -7.07
H7 8OG B 10 8.20 0.81 -9.22
H1 8OG B 10 10.17 -0.89 -4.90
H21 8OG B 10 11.44 0.16 -3.40
H22 8OG B 10 11.84 1.87 -3.61
N1 5CM A 3 10.87 -3.73 -1.92
C2 5CM A 3 10.82 -2.63 -2.78
N3 5CM A 3 10.02 -2.64 -3.87
C4 5CM A 3 9.22 -3.68 -4.06
C5 5CM A 3 9.18 -4.82 -3.18
C5A 5CM A 3 8.26 -6.01 -3.41
C6 5CM A 3 10.01 -4.80 -2.11
O2 5CM A 3 11.48 -1.61 -2.60
N4 5CM A 3 8.51 -3.61 -5.16
C1' 5CM A 3 11.91 -3.78 -0.87
C2' 5CM A 3 11.37 -3.89 0.57
C3' 5CM A 3 12.40 -4.75 1.30
C4' 5CM A 3 13.36 -5.21 0.19
O4' 5CM A 3 12.72 -4.93 -1.05
O3' 5CM A 3 13.14 -4.01 2.29
C5' 5CM A 3 13.76 -6.69 0.28
O5' 5CM A 3 12.62 -7.56 0.27
P 5CM A 3 12.79 -9.15 0.07
OP1 5CM A 3 13.80 -9.63 1.04
OP2 5CM A 3 11.44 -9.76 0.07
H5A1 5CM A 3 8.38 -6.77 -2.63
H5A2 5CM A 3 7.22 -5.68 -3.42
H5A3 5CM A 3 8.48 -6.47 -4.38
H6 5CM A 3 10.04 -5.62 -1.41
HN41 5CM A 3 8.61 -2.78 -5.75
HN42 5CM A 3 7.90 -4.36 -5.41
H1' 5CM A 3 12.56 -2.89 -0.92
H2' 5CM A 3 10.40 -4.39 0.58
H2'' 5CM A 3 11.29 -2.89 0.99
H3' 5CM A 3 11.91 -5.61 1.75
H4' 5CM A 3 14.26 -4.61 0.24
H5' 5CM A 3 14.40 -6.92 -0.58
H5'' 5CM A 3 14.33 -6.85 1.19
P 8OG A 10 -14.13 0.10 -5.60
OP1 8OG A 10 -14.37 -1.17 -6.32
OP2 8OG A 10 -14.78 1.33 -6.10
O5' 8OG A 10 -14.53 -0.09 -4.06
C5' 8OG A 10 -14.24 -1.28 -3.35
C4' 8OG A 10 -14.49 -1.16 -1.84
O4' 8OG A 10 -13.41 -0.45 -1.20
C3' 8OG A 10 -15.80 -0.42 -1.49
O3' 8OG A 10 -16.56 -1.08 -0.49
C2' 8OG A 10 -15.27 0.88 -0.88
C1' 8OG A 10 -14.02 0.33 -0.19
N9 8OG A 10 -13.09 1.32 0.41
C8 8OG A 10 -12.83 2.64 0.10
N7 8OG A 10 -12.03 3.25 0.91
C5 8OG A 10 -11.72 2.29 1.87
C6 8OG A 10 -10.89 2.35 3.03
O6 8OG A 10 -10.22 3.29 3.46
N1 8OG A 10 -10.87 1.17 3.75
C2 8OG A 10 -11.55 0.05 3.37
N2 8OG A 10 -11.41 -1.02 4.12
N3 8OG A 10 -12.32 -0.05 2.29
C4 8OG A 10 -12.37 1.11 1.57
O8 8OG A 10 -13.28 3.25 -0.87
H5' 8OG A 10 -13.19 -1.56 -3.50
H5'' 8OG A 10 -14.86 -2.10 -3.74
H4' 8OG A 10 -14.54 -2.16 -1.41
H3' 8OG A 10 -16.41 -0.20 -2.37
H2' 8OG A 10 -15.01 1.58 -1.68
H2'' 8OG A 10 -15.98 1.32 -0.19
H1' 8OG A 10 -14.35 -0.33 0.62
H7 8OG A 10 -11.72 4.21 0.84
H1 8OG A 10 -10.30 1.13 4.57
H21 8OG A 10 -10.86 -0.99 4.97
H22 8OG A 10 -11.92 -1.85 3.85
N1 5CM B 3 -8.28 -0.04 7.95
C2 5CM B 3 -9.08 0.07 6.80
N3 5CM B 3 -9.04 1.18 6.03
C4 5CM B 3 -8.18 2.13 6.34
C5 5CM B 3 -7.27 2.05 7.47
C5A 5CM B 3 -6.27 3.16 7.81
C6 5CM B 3 -7.35 0.93 8.23
O2 5CM B 3 -9.84 -0.83 6.45
N4 5CM B 3 -8.24 3.17 5.55
C1' 5CM B 3 -8.48 -1.19 8.88
C2' 5CM B 3 -7.25 -2.08 9.06
C3' 5CM B 3 -7.29 -2.51 10.53
C4' 5CM B 3 -8.50 -1.74 11.09
O4' 5CM B 3 -8.79 -0.71 10.16
O3' 5CM B 3 -7.49 -3.91 10.70
C5' 5CM B 3 -8.29 -1.17 12.50
O5' 5CM B 3 -7.14 -0.34 12.59
P 5CM B 3 -6.88 0.59 13.87
OP1 5CM B 3 -7.03 -0.24 15.09
OP2 5CM B 3 -5.61 1.34 13.66
H5A1 5CM B 3 -5.59 3.30 6.97
H5A2 5CM B 3 -6.81 4.09 7.99
H5A3 5CM B 3 -5.69 2.91 8.70
H6 5CM B 3 -6.71 0.82 9.10
HN41 5CM B 3 -8.91 3.16 4.79
HN42 5CM B 3 -7.64 3.96 5.72
H1' 5CM B 3 -9.30 -1.82 8.52
H2' 5CM B 3 -6.32 -1.54 8.87
H2'' 5CM B 3 -7.32 -2.93 8.40
H3' 5CM B 3 -6.38 -2.19 11.04
H4' 5CM B 3 -9.35 -2.42 11.12
H5' 5CM B 3 -9.18 -0.60 12.77
H5'' 5CM B 3 -8.19 -2.00 13.20
P 8OG B 10 7.63 8.70 -9.21
OP1 8OG B 10 7.78 10.01 -8.54
OP2 8OG B 10 7.50 8.65 -10.68
O5' 8OG B 10 8.87 7.77 -8.78
C5' 8OG B 10 9.38 7.76 -7.45
C4' 8OG B 10 10.38 6.62 -7.22
O4' 8OG B 10 9.72 5.38 -7.02
C3' 8OG B 10 11.39 6.43 -8.38
O3' 8OG B 10 12.72 6.28 -7.94
C2' 8OG B 10 10.93 5.09 -8.95
C1' 8OG B 10 10.51 4.40 -7.66
N9 8OG B 10 9.85 3.07 -7.79
C8 8OG B 10 9.09 2.52 -8.79
N7 8OG B 10 8.76 1.28 -8.62
C5 8OG B 10 9.35 0.95 -7.40
C6 8OG B 10 9.37 -0.29 -6.67
O6 8OG B 10 8.83 -1.35 -6.95
N1 8OG B 10 10.10 -0.21 -5.50
C2 8OG B 10 10.73 0.91 -5.08
N2 8OG B 10 11.38 0.85 -3.94
N3 8OG B 10 10.74 2.07 -5.72
C4 8OG B 10 10.03 2.04 -6.89
O8 8OG B 10 8.71 3.11 -9.80
H5' 8OG B 10 8.56 7.64 -6.74
H5'' 8OG B 10 9.87 8.71 -7.25
H4' 8OG B 10 10.95 6.86 -6.31
H3' 8OG B 10 11.31 7.22 -9.12
H2' 8OG B 10 10.09 5.25 -9.61
H2'' 8OG B 10 11.75 4.58 -9.47
H1' 8OG B 10 11.42 4.25 -7.06
H7 8OG B 10 8.20 0.73 -9.25
H1 8OG B 10 10.15 -1.04 -4.93
H21 8OG B 10 11.45 -0.02 -3.43
H22 8OG B 10 11.85 1.69 -3.63
N1 5CM A 3 11.01 -3.65 -1.82
C2 5CM A 3 10.92 -2.56 -2.70
N3 5CM A 3 10.11 -2.60 -3.78
C4 5CM A 3 9.35 -3.66 -3.96
C5 5CM A 3 9.34 -4.79 -3.06
C5A 5CM A 3 8.45 -6.02 -3.28
C6 5CM A 3 10.18 -4.74 -2.00
O2 5CM A 3 11.56 -1.53 -2.53
N4 5CM A 3 8.63 -3.62 -5.05
C1' 5CM A 3 12.05 -3.65 -0.76
C2' 5CM A 3 11.51 -3.78 0.66
C3' 5CM A 3 12.60 -4.57 1.41
C4' 5CM A 3 13.55 -5.01 0.29
O4' 5CM A 3 12.90 -4.77 -0.94
O3' 5CM A 3 13.32 -3.77 2.36
C5' 5CM A 3 14.00 -6.47 0.40
O5' 5CM A 3 12.90 -7.38 0.43
P 5CM A 3 13.12 -8.97 0.27
OP1 5CM A 3 14.16 -9.40 1.24
OP2 5CM A 3 11.79 -9.63 0.31
H5A1 5CM A 3 8.68 -6.46 -4.24
H5A2 5CM A 3 8.61 -6.76 -2.49
H5A3 5CM A 3 7.40 -5.72 -3.27
H6 5CM A 3 10.23 -5.55 -1.29
HN41 5CM A 3 8.70 -2.80 -5.64
HN42 5CM A 3 8.03 -4.39 -5.28
H1' 5CM A 3 12.65 -2.74 -0.82
H2' 5CM A 3 10.58 -4.34 0.68
H2'' 5CM A 3 11.36 -2.79 1.08
H3' 5CM A 3 12.15 -5.44 1.90
H4' 5CM A 3 14.44 -4.38 0.33
H5' 5CM A 3 14.64 -6.70 -0.47
H5'' 5CM A 3 14.60 -6.60 1.30
P 8OG A 10 -14.53 0.62 -5.59
OP1 8OG A 10 -14.89 -0.61 -6.33
OP2 8OG A 10 -15.15 1.90 -6.01
O5' 8OG A 10 -14.86 0.39 -4.03
C5' 8OG A 10 -14.57 -0.84 -3.38
C4' 8OG A 10 -14.75 -0.76 -1.86
O4' 8OG A 10 -13.64 -0.10 -1.24
C3' 8OG A 10 -16.03 0.00 -1.41
O3' 8OG A 10 -16.72 -0.69 -0.38
C2' 8OG A 10 -15.44 1.27 -0.83
C1' 8OG A 10 -14.18 0.68 -0.20
N9 8OG A 10 -13.21 1.65 0.39
C8 8OG A 10 -12.91 2.95 0.08
N7 8OG A 10 -12.07 3.53 0.87
C5 8OG A 10 -11.77 2.55 1.82
C6 8OG A 10 -10.90 2.57 2.96
O6 8OG A 10 -10.19 3.49 3.37
N1 8OG A 10 -10.92 1.38 3.66
C2 8OG A 10 -11.65 0.30 3.30
N2 8OG A 10 -11.55 -0.78 4.04
N3 8OG A 10 -12.44 0.23 2.23
C4 8OG A 10 -12.47 1.40 1.52
O8 8OG A 10 -13.37 3.58 -0.88
H5' 8OG A 10 -13.54 -1.14 -3.59
H5'' 8OG A 10 -15.23 -1.62 -3.76
H4' 8OG A 10 -14.80 -1.78 -1.47
H3' 8OG A 10 -16.69 0.21 -2.26
H2' 8OG A 10 -15.20 1.97 -1.63
H2'' 8OG A 10 -16.11 1.73 -0.10
H1' 8OG A 10 -14.49 0.02 0.61
H7 8OG A 10 -11.73 4.48 0.79
H1 8OG A 10 -10.33 1.33 4.49
H21 8OG A 10 -10.98 -0.77 4.88
H22 8OG A 10 -12.08 -1.58 3.78
N1 5CM B 3 -8.38 0.12 7.86
C2 5CM B 3 -9.15 0.24 6.70
N3 5CM B 3 -9.05 1.33 5.92
C4 5CM B 3 -8.16 2.25 6.24
C5 5CM B 3 -7.29 2.16 7.39
C5A 5CM B 3 -6.27 3.24 7.75
C6 5CM B 3 -7.44 1.07 8.18
O2 5CM B 3 -9.96 -0.62 6.35
N4 5CM B 3 -8.16 3.28 5.43
C1' 5CM B 3 -8.61 -1.05 8.76
C2' 5CM B 3 -7.40 -1.99 8.87
C3' 5CM B 3 -7.37 -2.44 10.34
C4' 5CM B 3 -8.54 -1.66 10.96
O4' 5CM B 3 -8.86 -0.60 10.07
O3' 5CM B 3 -7.58 -3.84 10.51
C5' 5CM B 3 -8.27 -1.13 12.37
O5' 5CM B 3 -7.13 -0.28 12.41
P 5CM B 3 -6.79 0.60 13.71
OP1 5CM B 3 -6.82 -0.30 14.90
OP2 5CM B 3 -5.57 1.40 13.45
H5A1 5CM B 3 -5.75 2.99 8.67
H5A2 5CM B 3 -5.54 3.33 6.94
H5A3 5CM B 3 -6.77 4.20 7.87
H6 5CM B 3 -6.85 0.94 9.07
HN41 5CM B 3 -8.82 3.29 4.67
HN42 5CM B 3 -7.53 4.06 5.60
H1' 5CM B 3 -9.47 -1.64 8.42
H2' 5CM B 3 -6.47 -1.47 8.63
H2'' 5CM B 3 -7.54 -2.83 8.20
H3' 5CM B 3 -6.44 -2.13 10.80
H4' 5CM B 3 -9.41 -2.33 11.01
H5' 5CM B 3 -9.15 -0.59 12.71
H5'' 5CM B 3 -8.10 -1.98 13.04
P 8OG B 10 7.77 8.54 -9.51
OP1 8OG B 10 7.94 9.89 -8.90
OP2 8OG B 10 7.63 8.44 -10.98
O5' 8OG B 10 9.00 7.62 -9.05
C5' 8OG B 10 9.53 7.66 -7.73
C4' 8OG B 10 10.55 6.54 -7.46
O4' 8OG B 10 9.88 5.31 -7.21
C3' 8OG B 10 11.53 6.31 -8.64
O3' 8OG B 10 12.87 6.18 -8.21
C2' 8OG B 10 11.07 4.95 -9.15
C1' 8OG B 10 10.67 4.31 -7.83
N9 8OG B 10 10.00 2.98 -7.90
C8 8OG B 10 9.21 2.40 -8.86
N7 8OG B 10 8.86 1.18 -8.64
C5 8OG B 10 9.46 0.88 -7.41
C6 8OG B 10 9.46 -0.32 -6.64
O6 8OG B 10 8.90 -1.39 -6.87
N1 8OG B 10 10.20 -0.21 -5.47
C2 8OG B 10 10.85 0.92 -5.10
N2 8OG B 10 11.49 0.90 -3.96
N3 8OG B 10 10.86 2.06 -5.79
C4 8OG B 10 10.15 1.98 -6.96
O8 8OG B 10 8.84 2.95 -9.90
H5' 8OG B 10 8.71 7.58 -7.01
H5'' 8OG B 10 10.03 8.62 -7.58
H4' 8OG B 10 11.12 6.82 -6.58
H3' 8OG B 10 11.44 7.07 -9.42
H2' 8OG B 10 10.20 5.08 -9.80
H2'' 8OG B 10 11.87 4.42 -9.66
H1' 8OG B 10 11.58 4.17 -7.23
H7 8OG B 10 8.30 0.59 -9.25
H1 8OG B 10 10.25 -1.02 -4.87
H21 8OG B 10 11.54 0.04 -3.42
H22 8OG B 10 11.99 1.73 -3.68
N1 5CM A 3 10.88 -3.80 -2.18
C2 5CM A 3 10.77 -2.67 -3.00
N3 5CM A 3 9.91 -2.65 -4.04
C4 5CM A 3 9.14 -3.70 -4.24
C5 5CM A 3 9.15 -4.88 -3.40
C5A 5CM A 3 8.25 -6.08 -3.64
C6 5CM A 3 10.04 -4.88 -2.37
O2 5CM A 3 11.44 -1.65 -2.81
N4 5CM A 3 8.37 -3.60 -5.30
C1' 5CM A 3 11.92 -3.83 -1.12
C2' 5CM A 3 11.35 -3.90 0.30
C3' 5CM A 3 12.32 -4.81 1.06
C4' 5CM A 3 13.32 -5.25 -0.03
O4' 5CM A 3 12.71 -4.99 -1.27
O3' 5CM A 3 13.02 -4.15 2.12
C5' 5CM A 3 13.74 -6.73 0.07
O5' 5CM A 3 12.63 -7.61 0.01
P 5CM A 3 12.84 -9.19 -0.17
OP1 5CM A 3 13.82 -9.66 0.85
OP2 5CM A 3 11.51 -9.85 -0.23
H5A1 5CM A 3 8.42 -6.48 -4.64
H5A2 5CM A 3 8.44 -6.87 -2.90
H5A3 5CM A 3 7.20 -5.77 -3.57
H6 5CM A 3 10.12 -5.74 -1.72
HN41 5CM A 3 8.45 -2.75 -5.87
HN42 5CM A 3 7.77 -4.36 -5.56
H1' 5CM A 3 12.56 -2.95 -1.20
H2' 5CM A 3 10.36 -4.33 0.32
H2'' 5CM A 3 11.33 -2.89 0.72
H3' 5CM A 3 11.78 -5.69 1.44
H4' 5CM A 3 14.21 -4.64 0.07
H5' 5CM A 3 14.43 -6.94 -0.75
H5'' 5CM A 3 14.27 -6.88 1.02
P 8OG A 10 -14.25 0.31 -5.55
OP1 8OG A 10 -14.53 -0.94 -6.30
OP2 8OG A 10 -14.91 1.56 -5.99
O5' 8OG A 10 -14.64 0.08 -4.00
C5' 8OG A 10 -14.33 -1.14 -3.33
C4' 8OG A 10 -14.57 -1.06 -1.82
O4' 8OG A 10 -13.52 -0.35 -1.17
C3' 8OG A 10 -15.90 -0.35 -1.45
O3' 8OG A 10 -16.63 -1.05 -0.45
C2' 8OG A 10 -15.38 0.94 -0.83
C1' 8OG A 10 -14.11 0.41 -0.15
N9 8OG A 10 -13.20 1.42 0.45
C8 8OG A 10 -12.96 2.74 0.14
N7 8OG A 10 -12.16 3.36 0.95
C5 8OG A 10 -11.83 2.40 1.90
C6 8OG A 10 -11.00 2.47 3.06
O6 8OG A 10 -10.34 3.42 3.48
N1 8OG A 10 -10.94 1.28 3.76
C2 8OG A 10 -11.61 0.15 3.39
N2 8OG A 10 -11.46 -0.91 4.13
N3 8OG A 10 -12.38 0.05 2.32
C4 8OG A 10 -12.46 1.21 1.60
O8 8OG A 10 -13.43 3.35 -0.82
H5' 8OG A 10 -13.29 -1.41 -3.50
H5'' 8OG A 10 -14.96 -1.94 -3.74
H4' 8OG A 10 -14.60 -2.07 -1.42
H3' 8OG A 10 -16.51 -0.14 -2.31
H2' 8OG A 10 -15.13 1.66 -1.62
H2'' 8OG A 10 -16.09 1.37 -0.12
H1' 8OG A 10 -14.42 -0.25 0.65
H7 8OG A 10 -11.87 4.33 0.87
H1 8OG A 10 -10.37 1.25 4.59
H21 8OG A 10 -10.89 -0.88 4.98
H22 8OG A 10 -11.95 -1.75 3.87
N1 5CM B 3 -8.28 0.09 7.93
C2 5CM B 3 -9.10 0.19 6.79
N3 5CM B 3 -9.10 1.31 6.03
C4 5CM B 3 -8.25 2.27 6.35
C5 5CM B 3 -7.33 2.20 7.45
C5A 5CM B 3 -6.34 3.33 7.80
C6 5CM B 3 -7.37 1.08 8.22
O2 5CM B 3 -9.85 -0.71 6.44
N4 5CM B 3 -8.34 3.33 5.56
C1' 5CM B 3 -8.45 -1.06 8.85
C2' 5CM B 3 -7.21 -1.94 8.99
C3' 5CM B 3 -7.19 -2.36 10.47
C4' 5CM B 3 -8.39 -1.63 11.05
O4' 5CM B 3 -8.74 -0.60 10.15
O3' 5CM B 3 -7.33 -3.77 10.66
C5' 5CM B 3 -8.17 -1.06 12.46
O5' 5CM B 3 -7.05 -0.19 12.52
P 5CM B 3 -6.78 0.75 13.80
OP1 5CM B 3 -6.86 -0.08 15.03
OP2 5CM B 3 -5.54 1.55 13.55
H5A1 5CM B 3 -5.75 3.08 8.67
H5A2 5CM B 3 -5.68 3.50 6.94
H5A3 5CM B 3 -6.91 4.25 7.99
H6 5CM B 3 -6.71 0.96 9.06
HN41 5CM B 3 -9.03 3.31 4.81
HN42 5CM B 3 -7.76 4.12 5.73
H1' 5CM B 3 -9.28 -1.70 8.51
H2' 5CM B 3 -6.30 -1.39 8.75
H2'' 5CM B 3 -7.31 -2.81 8.33
H3' 5CM B 3 -6.27 -2.00 10.94
H4' 5CM B 3 -9.23 -2.33 11.11
H5' 5CM B 3 -9.07 -0.52 12.77
H5'' 5CM B 3 -8.02 -1.89 13.16
P 8OG B 10 7.61 8.74 -9.29
OP1 8OG B 10 7.80 10.06 -8.65
OP2 8OG B 10 7.47 8.67 -10.77
O5' 8OG B 10 8.85 7.79 -8.87
C5' 8OG B 10 9.37 7.78 -7.54
C4' 8OG B 10 10.36 6.64 -7.30
O4' 8OG B 10 9.68 5.40 -7.12
C3' 8OG B 10 11.36 6.44 -8.47
O3' 8OG B 10 12.70 6.25 -8.02
C2' 8OG B 10 10.88 5.12 -9.05
C1' 8OG B 10 10.46 4.41 -7.77
N9 8OG B 10 9.78 3.11 -7.89
C8 8OG B 10 9.01 2.57 -8.90
N7 8OG B 10 8.66 1.33 -8.72
C5 8OG B 10 9.25 0.98 -7.52
C6 8OG B 10 9.27 -0.26 -6.79
O6 8OG B 10 8.70 -1.32 -7.07
N1 8OG B 10 10.01 -0.20 -5.63
C2 8OG B 10 10.66 0.92 -5.21
N2 8OG B 10 11.32 0.85 -4.09
N3 8OG B 10 10.66 2.09 -5.85
C4 8OG B 10 9.95 2.06 -7.01
O8 8OG B 10 8.63 3.16 -9.91
H5' 8OG B 10 8.55 7.68 -6.83
H5'' 8OG B 10 9.88 8.73 -7.35
H4' 8OG B 10 10.93 6.86 -6.40
H3' 8OG B 10 11.31 7.24 -9.21
H2' 8OG B 10 10.03 5.29 -9.71
H2'' 8OG B 10 11.68 4.59 -9.58
H1' 8OG B 10 11.37 4.25 -7.17
H7 8OG B 10 8.08 0.78 -9.36
H1 8OG B 10 10.06 -1.03 -5.07
H21 8OG B 10 11.39 -0.03 -3.58
H22 8OG B 10 11.80 1.68 -3.76
#